data_6FO8
#
_entry.id   6FO8
#
_cell.length_a   66.690
_cell.length_b   66.690
_cell.length_c   264.520
_cell.angle_alpha   90.00
_cell.angle_beta   90.00
_cell.angle_gamma   120.00
#
_symmetry.space_group_name_H-M   'P 65 2 2'
#
loop_
_entity.id
_entity.type
_entity.pdbx_description
1 polymer 'Vitamin D3 receptor A'
2 polymer 'Nuclear receptor coactivator 1'
3 non-polymer (1~{R},3~{S},5~{Z})-4-methylidene-5-[(~{E})-3-[3-(6-methyl-6-oxidanyl-heptyl)phenyl]non-2-enylidene]cyclohexane-1,3-diol
4 water water
#
loop_
_entity_poly.entity_id
_entity_poly.type
_entity_poly.pdbx_seq_one_letter_code
_entity_poly.pdbx_strand_id
1 'polypeptide(L)'
;HMLSDEQMQIINSLVEAHHKTYDDSYSDFVRFRPPVREGPVTRSASRAASLHSLSDASSDSFNHSPESVDTKLNFSNLLM
MYQDSGSPDSSEEDQQSRLSMLPHLADLVSYSIQKVIGFAKMIPGFRDLTAEDQIALLKSSAIEIIMLRSNQSFSLEDMS
WSCGGPDFKYCINDVTKAGHTLELLEPLVKFQVGLKKLKLHEEEHVLLMAICLLSPDRPGVQDHVRIEALQDRLCDVLQA
YIRIQHPGGRLLYAKMIQKLADLRSLNEEHSKQYRSLSFQPEHSMQLTPLVLEVFGSEVS
;
1
2 'polypeptide(L)' RHKILHRLLQEGSPS B
#
# COMPACT_ATOMS: atom_id res chain seq x y z
N LEU A 3 15.20 11.54 19.90
CA LEU A 3 14.39 12.11 18.83
C LEU A 3 14.27 13.63 18.96
N SER A 4 14.56 14.34 17.87
CA SER A 4 14.43 15.78 17.85
C SER A 4 12.98 16.19 17.66
N ASP A 5 12.71 17.49 17.76
CA ASP A 5 11.36 18.01 17.61
C ASP A 5 10.85 17.84 16.18
N GLU A 6 11.72 18.05 15.21
CA GLU A 6 11.35 17.92 13.80
C GLU A 6 11.02 16.47 13.47
N GLN A 7 11.81 15.54 14.00
CA GLN A 7 11.55 14.11 13.81
C GLN A 7 10.22 13.73 14.46
N MET A 8 9.90 14.42 15.55
CA MET A 8 8.67 14.15 16.29
C MET A 8 7.45 14.69 15.54
N GLN A 9 7.57 15.88 14.98
CA GLN A 9 6.50 16.48 14.20
C GLN A 9 6.16 15.63 12.98
N ILE A 10 7.20 15.08 12.35
CA ILE A 10 7.03 14.22 11.20
C ILE A 10 6.27 12.95 11.57
N ILE A 11 6.59 12.38 12.72
CA ILE A 11 5.91 11.18 13.20
C ILE A 11 4.44 11.48 13.50
N ASN A 12 4.19 12.58 14.22
CA ASN A 12 2.83 12.97 14.55
C ASN A 12 1.94 13.13 13.33
N SER A 13 2.43 13.86 12.34
CA SER A 13 1.65 14.17 11.14
C SER A 13 1.37 12.92 10.30
N LEU A 14 2.33 12.01 10.27
CA LEU A 14 2.17 10.76 9.52
C LEU A 14 1.16 9.83 10.19
N VAL A 15 1.19 9.78 11.51
CA VAL A 15 0.25 8.95 12.26
C VAL A 15 -1.17 9.48 12.11
N GLU A 16 -1.32 10.81 12.21
CA GLU A 16 -2.61 11.45 12.05
C GLU A 16 -3.15 11.24 10.64
N ALA A 17 -2.25 11.27 9.65
CA ALA A 17 -2.62 11.08 8.25
C ALA A 17 -3.19 9.68 8.01
N HIS A 18 -2.60 8.70 8.68
CA HIS A 18 -3.04 7.31 8.55
C HIS A 18 -4.40 7.09 9.22
N HIS A 19 -4.57 7.69 10.40
CA HIS A 19 -5.83 7.57 11.12
C HIS A 19 -6.98 8.20 10.33
N LYS A 20 -6.66 9.22 9.56
CA LYS A 20 -7.65 9.92 8.75
C LYS A 20 -7.97 9.18 7.46
N THR A 21 -7.13 8.21 7.10
CA THR A 21 -7.30 7.48 5.85
C THR A 21 -7.42 5.97 6.03
N TYR A 22 -7.41 5.51 7.27
CA TYR A 22 -7.66 4.10 7.54
C TYR A 22 -8.77 3.92 8.58
N ASP A 23 -9.91 3.42 8.11
CA ASP A 23 -11.08 3.21 8.97
C ASP A 23 -11.04 1.80 9.58
N ASP A 24 -10.95 1.73 10.90
CA ASP A 24 -10.85 0.44 11.60
C ASP A 24 -12.17 -0.31 11.65
N SER A 25 -13.27 0.36 11.32
CA SER A 25 -14.58 -0.29 11.34
C SER A 25 -14.89 -0.93 9.99
N TYR A 26 -14.21 -0.47 8.95
CA TYR A 26 -14.42 -0.96 7.58
C TYR A 26 -15.88 -0.83 7.17
N SER A 27 -16.53 0.26 7.59
CA SER A 27 -17.95 0.44 7.38
C SER A 27 -18.30 0.88 5.97
N ASP A 28 -17.29 1.28 5.19
CA ASP A 28 -17.50 1.70 3.81
C ASP A 28 -17.60 0.49 2.87
N PHE A 29 -17.20 -0.67 3.37
CA PHE A 29 -17.11 -1.87 2.53
C PHE A 29 -18.48 -2.35 2.04
N VAL A 30 -19.54 -1.90 2.70
CA VAL A 30 -20.89 -2.29 2.30
C VAL A 30 -21.30 -1.57 1.02
N ARG A 31 -20.57 -0.53 0.65
CA ARG A 31 -20.89 0.24 -0.55
C ARG A 31 -20.22 -0.35 -1.79
N PHE A 32 -19.27 -1.26 -1.58
CA PHE A 32 -18.63 -1.94 -2.69
C PHE A 32 -19.60 -2.93 -3.33
N ARG A 33 -19.35 -3.30 -4.58
CA ARG A 33 -20.03 -4.44 -5.17
C ARG A 33 -19.74 -5.64 -4.27
N PRO A 34 -20.81 -6.34 -3.83
CA PRO A 34 -20.68 -7.38 -2.83
C PRO A 34 -19.84 -8.57 -3.29
N PRO A 35 -19.20 -9.28 -2.34
CA PRO A 35 -18.43 -10.47 -2.66
C PRO A 35 -19.31 -11.61 -3.17
N VAL A 36 -18.82 -12.36 -4.15
CA VAL A 36 -19.55 -13.53 -4.65
C VAL A 36 -18.67 -14.77 -4.56
N ARG A 37 -19.08 -15.73 -3.73
CA ARG A 37 -18.33 -16.96 -3.55
C ARG A 37 -19.18 -18.19 -3.87
N ARG A 98 -17.05 -16.91 -14.08
CA ARG A 98 -15.95 -16.98 -13.13
C ARG A 98 -15.42 -15.60 -12.79
N LEU A 99 -14.35 -15.57 -11.99
CA LEU A 99 -13.81 -14.33 -11.43
C LEU A 99 -14.91 -13.57 -10.70
N SER A 100 -15.63 -14.28 -9.86
CA SER A 100 -16.78 -13.73 -9.15
C SER A 100 -16.39 -12.70 -8.10
N MET A 101 -15.14 -12.75 -7.66
CA MET A 101 -14.67 -11.85 -6.60
C MET A 101 -14.00 -10.60 -7.15
N LEU A 102 -13.80 -10.56 -8.46
CA LEU A 102 -13.16 -9.41 -9.09
C LEU A 102 -13.91 -8.07 -8.87
N PRO A 103 -15.25 -8.06 -9.00
CA PRO A 103 -15.93 -6.78 -8.75
C PRO A 103 -15.71 -6.23 -7.34
N HIS A 104 -15.81 -7.08 -6.32
CA HIS A 104 -15.59 -6.63 -4.95
C HIS A 104 -14.15 -6.21 -4.73
N LEU A 105 -13.22 -7.01 -5.25
CA LEU A 105 -11.80 -6.71 -5.12
C LEU A 105 -11.46 -5.39 -5.80
N ALA A 106 -12.01 -5.17 -7.00
CA ALA A 106 -11.76 -3.95 -7.75
C ALA A 106 -12.22 -2.72 -6.98
N ASP A 107 -13.41 -2.80 -6.40
CA ASP A 107 -13.94 -1.68 -5.62
C ASP A 107 -13.13 -1.46 -4.35
N LEU A 108 -12.67 -2.54 -3.74
CA LEU A 108 -11.86 -2.45 -2.53
C LEU A 108 -10.52 -1.80 -2.82
N VAL A 109 -9.88 -2.22 -3.91
CA VAL A 109 -8.60 -1.67 -4.31
C VAL A 109 -8.74 -0.21 -4.73
N SER A 110 -9.79 0.10 -5.48
CA SER A 110 -10.05 1.46 -5.91
C SER A 110 -10.25 2.39 -4.73
N TYR A 111 -11.03 1.93 -3.77
CA TYR A 111 -11.25 2.65 -2.52
C TYR A 111 -9.93 2.88 -1.78
N SER A 112 -9.10 1.84 -1.75
CA SER A 112 -7.84 1.90 -1.02
C SER A 112 -6.86 2.86 -1.69
N ILE A 113 -6.89 2.94 -3.02
CA ILE A 113 -6.04 3.87 -3.77
C ILE A 113 -6.36 5.31 -3.38
N GLN A 114 -7.65 5.62 -3.24
CA GLN A 114 -8.07 6.95 -2.81
C GLN A 114 -7.52 7.29 -1.43
N LYS A 115 -7.48 6.28 -0.56
CA LYS A 115 -6.97 6.46 0.79
C LYS A 115 -5.46 6.64 0.80
N VAL A 116 -4.78 5.90 -0.06
CA VAL A 116 -3.33 5.99 -0.19
C VAL A 116 -2.94 7.38 -0.69
N ILE A 117 -3.72 7.90 -1.64
CA ILE A 117 -3.53 9.25 -2.15
C ILE A 117 -3.70 10.27 -1.02
N GLY A 118 -4.73 10.11 -0.22
CA GLY A 118 -4.96 10.97 0.93
C GLY A 118 -3.79 10.95 1.89
N PHE A 119 -3.27 9.75 2.16
CA PHE A 119 -2.12 9.58 3.05
C PHE A 119 -0.87 10.24 2.46
N ALA A 120 -0.65 10.04 1.18
CA ALA A 120 0.55 10.56 0.51
C ALA A 120 0.59 12.08 0.52
N LYS A 121 -0.56 12.70 0.32
CA LYS A 121 -0.64 14.16 0.27
C LYS A 121 -0.26 14.81 1.60
N MET A 122 -0.25 14.03 2.67
CA MET A 122 0.08 14.57 3.99
C MET A 122 1.49 14.16 4.43
N ILE A 123 2.17 13.37 3.60
CA ILE A 123 3.58 13.08 3.82
C ILE A 123 4.39 14.35 3.59
N PRO A 124 5.19 14.77 4.59
CA PRO A 124 5.95 16.02 4.49
C PRO A 124 6.89 16.05 3.30
N GLY A 125 6.65 16.99 2.38
CA GLY A 125 7.50 17.14 1.22
C GLY A 125 6.91 16.59 -0.06
N PHE A 126 5.89 15.75 0.07
CA PHE A 126 5.28 15.10 -1.08
C PHE A 126 4.49 16.08 -1.94
N ARG A 127 3.79 17.01 -1.31
CA ARG A 127 2.96 17.96 -2.02
C ARG A 127 3.78 19.00 -2.78
N ASP A 128 5.04 19.18 -2.37
CA ASP A 128 5.92 20.14 -3.02
C ASP A 128 6.54 19.56 -4.29
N LEU A 129 6.43 18.24 -4.43
CA LEU A 129 6.93 17.56 -5.62
C LEU A 129 6.11 17.93 -6.86
N THR A 130 6.64 17.62 -8.02
CA THR A 130 5.92 17.83 -9.28
C THR A 130 4.71 16.91 -9.33
N ALA A 131 3.64 17.36 -9.96
CA ALA A 131 2.45 16.54 -10.15
C ALA A 131 2.81 15.26 -10.88
N GLU A 132 3.76 15.35 -11.79
CA GLU A 132 4.23 14.19 -12.54
C GLU A 132 4.97 13.21 -11.63
N ASP A 133 5.84 13.74 -10.78
CA ASP A 133 6.57 12.91 -9.82
C ASP A 133 5.61 12.27 -8.82
N GLN A 134 4.62 13.03 -8.37
CA GLN A 134 3.62 12.53 -7.45
C GLN A 134 2.87 11.35 -8.07
N ILE A 135 2.50 11.50 -9.34
CA ILE A 135 1.79 10.44 -10.06
C ILE A 135 2.70 9.24 -10.31
N ALA A 136 3.93 9.51 -10.74
CA ALA A 136 4.91 8.46 -11.00
C ALA A 136 5.18 7.63 -9.75
N LEU A 137 5.33 8.29 -8.61
CA LEU A 137 5.54 7.60 -7.33
C LEU A 137 4.30 6.82 -6.94
N LEU A 138 3.13 7.43 -7.14
CA LEU A 138 1.86 6.82 -6.77
C LEU A 138 1.58 5.56 -7.58
N LYS A 139 1.70 5.66 -8.90
CA LYS A 139 1.42 4.54 -9.80
C LYS A 139 2.30 3.34 -9.51
N SER A 140 3.60 3.58 -9.35
CA SER A 140 4.56 2.50 -9.20
C SER A 140 4.52 1.85 -7.82
N SER A 141 4.08 2.59 -6.81
CA SER A 141 4.13 2.09 -5.44
C SER A 141 2.76 1.78 -4.85
N ALA A 142 1.69 2.08 -5.60
CA ALA A 142 0.33 1.92 -5.11
C ALA A 142 0.07 0.54 -4.51
N ILE A 143 0.40 -0.49 -5.27
CA ILE A 143 0.11 -1.85 -4.83
C ILE A 143 0.95 -2.24 -3.60
N GLU A 144 2.13 -1.64 -3.47
CA GLU A 144 3.00 -1.94 -2.33
C GLU A 144 2.45 -1.32 -1.06
N ILE A 145 1.93 -0.11 -1.16
CA ILE A 145 1.32 0.56 -0.02
C ILE A 145 0.04 -0.17 0.41
N ILE A 146 -0.71 -0.65 -0.57
CA ILE A 146 -1.91 -1.43 -0.30
C ILE A 146 -1.54 -2.72 0.42
N MET A 147 -0.48 -3.38 -0.04
CA MET A 147 0.03 -4.58 0.61
C MET A 147 0.46 -4.28 2.05
N LEU A 148 1.13 -3.15 2.25
CA LEU A 148 1.59 -2.75 3.58
C LEU A 148 0.44 -2.42 4.51
N ARG A 149 -0.50 -1.62 4.03
CA ARG A 149 -1.59 -1.15 4.86
C ARG A 149 -2.58 -2.26 5.18
N SER A 150 -2.63 -3.28 4.32
CA SER A 150 -3.55 -4.40 4.51
C SER A 150 -3.13 -5.30 5.67
N ASN A 151 -1.88 -5.17 6.10
CA ASN A 151 -1.38 -5.98 7.22
C ASN A 151 -2.15 -5.72 8.51
N GLN A 152 -2.73 -4.53 8.60
CA GLN A 152 -3.52 -4.12 9.75
C GLN A 152 -4.79 -4.97 9.91
N SER A 153 -5.32 -5.47 8.80
CA SER A 153 -6.51 -6.31 8.84
C SER A 153 -6.15 -7.79 8.83
N PHE A 154 -4.90 -8.09 8.49
CA PHE A 154 -4.44 -9.48 8.42
C PHE A 154 -4.34 -10.12 9.80
N SER A 155 -4.70 -11.39 9.88
CA SER A 155 -4.67 -12.11 11.15
C SER A 155 -3.89 -13.42 11.01
N LEU A 156 -3.05 -13.70 12.01
CA LEU A 156 -2.24 -14.91 12.00
C LEU A 156 -3.06 -16.13 12.40
N GLU A 157 -4.15 -15.90 13.12
CA GLU A 157 -5.03 -16.98 13.54
C GLU A 157 -5.74 -17.62 12.35
N ASP A 158 -6.25 -16.77 11.47
CA ASP A 158 -7.06 -17.23 10.33
C ASP A 158 -6.28 -17.22 9.02
N MET A 159 -5.07 -16.66 9.05
CA MET A 159 -4.23 -16.51 7.85
C MET A 159 -5.01 -15.76 6.77
N SER A 160 -5.77 -14.75 7.20
CA SER A 160 -6.66 -14.05 6.28
C SER A 160 -6.84 -12.59 6.69
N TRP A 161 -7.43 -11.81 5.78
CA TRP A 161 -7.78 -10.43 6.07
C TRP A 161 -9.20 -10.34 6.60
N SER A 162 -9.34 -9.97 7.87
CA SER A 162 -10.65 -9.84 8.49
C SER A 162 -11.07 -8.37 8.60
N CYS A 163 -12.04 -7.97 7.80
CA CYS A 163 -12.44 -6.57 7.72
C CYS A 163 -13.87 -6.31 8.17
N GLY A 164 -14.16 -6.63 9.43
CA GLY A 164 -15.47 -6.35 9.98
C GLY A 164 -16.36 -7.57 10.08
N GLY A 165 -17.34 -7.65 9.17
CA GLY A 165 -18.30 -8.74 9.19
C GLY A 165 -17.79 -10.02 8.55
N PRO A 166 -18.63 -11.05 8.53
CA PRO A 166 -18.31 -12.35 7.93
C PRO A 166 -18.19 -12.25 6.40
N ASP A 167 -18.90 -11.30 5.82
CA ASP A 167 -18.83 -11.09 4.38
C ASP A 167 -17.46 -10.62 3.96
N PHE A 168 -16.82 -9.83 4.84
CA PHE A 168 -15.57 -9.18 4.49
C PHE A 168 -14.37 -9.85 5.17
N LYS A 169 -14.46 -11.16 5.34
CA LYS A 169 -13.36 -11.97 5.82
C LYS A 169 -12.73 -12.68 4.62
N TYR A 170 -11.61 -12.16 4.14
CA TYR A 170 -11.04 -12.62 2.87
C TYR A 170 -9.90 -13.61 3.06
N CYS A 171 -10.06 -14.80 2.49
CA CYS A 171 -9.00 -15.80 2.49
C CYS A 171 -8.25 -15.76 1.16
N ILE A 172 -7.28 -16.65 1.00
CA ILE A 172 -6.44 -16.67 -0.20
C ILE A 172 -7.23 -17.14 -1.42
N ASN A 173 -8.28 -17.94 -1.18
CA ASN A 173 -9.09 -18.48 -2.26
C ASN A 173 -9.96 -17.40 -2.90
N ASP A 174 -10.28 -16.37 -2.13
CA ASP A 174 -11.11 -15.27 -2.62
C ASP A 174 -10.40 -14.48 -3.72
N VAL A 175 -9.11 -14.24 -3.53
CA VAL A 175 -8.34 -13.49 -4.52
C VAL A 175 -8.07 -14.36 -5.74
N THR A 176 -8.04 -15.68 -5.53
CA THR A 176 -7.93 -16.63 -6.63
C THR A 176 -9.15 -16.50 -7.53
N LYS A 177 -10.32 -16.31 -6.91
CA LYS A 177 -11.57 -16.10 -7.64
C LYS A 177 -11.70 -14.66 -8.12
N ALA A 178 -10.58 -13.95 -8.20
CA ALA A 178 -10.59 -12.55 -8.61
C ALA A 178 -9.58 -12.27 -9.72
N GLY A 179 -8.99 -13.32 -10.27
CA GLY A 179 -8.12 -13.18 -11.42
C GLY A 179 -6.63 -13.31 -11.15
N HIS A 180 -6.26 -13.51 -9.89
CA HIS A 180 -4.84 -13.66 -9.54
C HIS A 180 -4.53 -15.08 -9.11
N THR A 181 -3.28 -15.49 -9.30
CA THR A 181 -2.87 -16.87 -9.06
C THR A 181 -2.05 -17.02 -7.79
N LEU A 182 -1.74 -18.26 -7.45
CA LEU A 182 -0.95 -18.57 -6.26
C LEU A 182 0.49 -18.06 -6.39
N GLU A 183 0.92 -17.84 -7.63
CA GLU A 183 2.27 -17.35 -7.89
C GLU A 183 2.47 -15.96 -7.29
N LEU A 184 1.37 -15.25 -7.08
CA LEU A 184 1.40 -13.95 -6.42
C LEU A 184 0.98 -14.07 -4.96
N LEU A 185 -0.06 -14.86 -4.72
CA LEU A 185 -0.70 -14.93 -3.42
C LEU A 185 0.15 -15.69 -2.39
N GLU A 186 0.88 -16.70 -2.83
CA GLU A 186 1.72 -17.47 -1.91
C GLU A 186 2.84 -16.61 -1.30
N PRO A 187 3.57 -15.84 -2.14
CA PRO A 187 4.56 -14.96 -1.49
C PRO A 187 3.90 -13.79 -0.76
N LEU A 188 2.68 -13.45 -1.14
CA LEU A 188 1.95 -12.35 -0.51
C LEU A 188 1.59 -12.70 0.93
N VAL A 189 0.96 -13.86 1.11
CA VAL A 189 0.60 -14.31 2.45
C VAL A 189 1.85 -14.51 3.30
N LYS A 190 2.90 -15.07 2.69
CA LYS A 190 4.19 -15.23 3.36
C LYS A 190 4.74 -13.88 3.80
N PHE A 191 4.60 -12.88 2.94
CA PHE A 191 5.01 -11.52 3.27
C PHE A 191 4.18 -10.98 4.43
N GLN A 192 2.86 -11.21 4.37
CA GLN A 192 1.95 -10.74 5.42
C GLN A 192 2.27 -11.36 6.77
N VAL A 193 2.61 -12.64 6.77
CA VAL A 193 2.96 -13.35 7.99
C VAL A 193 4.23 -12.79 8.61
N GLY A 194 5.26 -12.61 7.79
CA GLY A 194 6.53 -12.08 8.24
C GLY A 194 6.43 -10.66 8.76
N LEU A 195 5.67 -9.83 8.05
CA LEU A 195 5.49 -8.44 8.45
C LEU A 195 4.73 -8.32 9.76
N LYS A 196 3.72 -9.18 9.93
CA LYS A 196 2.93 -9.20 11.15
C LYS A 196 3.78 -9.64 12.34
N LYS A 197 4.69 -10.58 12.09
CA LYS A 197 5.56 -11.11 13.13
C LYS A 197 6.57 -10.08 13.63
N LEU A 198 6.79 -9.04 12.84
CA LEU A 198 7.70 -7.97 13.25
C LEU A 198 7.07 -7.15 14.37
N LYS A 199 5.74 -7.20 14.44
CA LYS A 199 4.98 -6.50 15.47
C LYS A 199 5.38 -5.03 15.56
N LEU A 200 5.17 -4.32 14.47
CA LEU A 200 5.56 -2.92 14.36
C LEU A 200 4.74 -2.02 15.26
N HIS A 201 5.38 -0.99 15.82
CA HIS A 201 4.65 0.11 16.42
C HIS A 201 3.90 0.83 15.32
N GLU A 202 2.85 1.56 15.67
CA GLU A 202 2.08 2.28 14.65
C GLU A 202 2.97 3.34 13.99
N GLU A 203 3.90 3.88 14.77
CA GLU A 203 4.85 4.85 14.27
C GLU A 203 5.75 4.26 13.19
N GLU A 204 6.14 3.00 13.38
CA GLU A 204 7.03 2.32 12.44
C GLU A 204 6.31 1.88 11.17
N HIS A 205 5.15 1.24 11.35
CA HIS A 205 4.32 0.79 10.24
C HIS A 205 3.96 1.97 9.33
N VAL A 206 3.70 3.11 9.95
CA VAL A 206 3.35 4.32 9.22
C VAL A 206 4.58 4.91 8.51
N LEU A 207 5.75 4.80 9.14
CA LEU A 207 6.98 5.31 8.53
C LEU A 207 7.37 4.44 7.34
N LEU A 208 7.10 3.15 7.45
CA LEU A 208 7.45 2.20 6.39
C LEU A 208 6.66 2.49 5.11
N MET A 209 5.38 2.84 5.25
CA MET A 209 4.55 3.18 4.11
C MET A 209 5.04 4.46 3.43
N ALA A 210 5.46 5.42 4.23
CA ALA A 210 5.93 6.71 3.72
C ALA A 210 7.28 6.56 3.03
N ILE A 211 8.15 5.74 3.60
CA ILE A 211 9.46 5.45 3.01
C ILE A 211 9.29 4.73 1.68
N CYS A 212 8.41 3.74 1.66
CA CYS A 212 8.10 2.99 0.44
C CYS A 212 7.62 3.90 -0.68
N LEU A 213 6.72 4.81 -0.34
CA LEU A 213 6.10 5.72 -1.31
C LEU A 213 7.11 6.71 -1.88
N LEU A 214 8.09 7.10 -1.08
CA LEU A 214 9.08 8.08 -1.51
C LEU A 214 10.36 7.42 -2.03
N SER A 215 10.23 6.24 -2.62
CA SER A 215 11.38 5.57 -3.23
C SER A 215 11.72 6.21 -4.57
N PRO A 216 12.97 6.66 -4.73
CA PRO A 216 13.41 7.32 -5.96
C PRO A 216 13.63 6.34 -7.12
N ASP A 217 13.82 5.07 -6.81
CA ASP A 217 14.06 4.06 -7.84
C ASP A 217 12.77 3.51 -8.43
N ARG A 218 11.97 4.41 -9.00
CA ARG A 218 10.73 4.04 -9.67
C ARG A 218 10.74 4.53 -11.11
N PRO A 219 10.06 3.82 -12.01
CA PRO A 219 9.96 4.27 -13.41
C PRO A 219 9.22 5.60 -13.53
N GLY A 220 9.74 6.50 -14.34
CA GLY A 220 9.05 7.74 -14.65
C GLY A 220 9.40 8.92 -13.77
N VAL A 221 10.19 8.69 -12.73
CA VAL A 221 10.57 9.77 -11.82
C VAL A 221 11.61 10.67 -12.48
N GLN A 222 11.56 11.96 -12.15
CA GLN A 222 12.45 12.94 -12.79
C GLN A 222 13.42 13.56 -11.80
N ASP A 223 12.91 13.94 -10.63
CA ASP A 223 13.74 14.57 -9.60
C ASP A 223 14.21 13.53 -8.58
N HIS A 224 15.20 12.74 -8.96
CA HIS A 224 15.69 11.65 -8.12
C HIS A 224 16.32 12.14 -6.83
N VAL A 225 17.00 13.28 -6.90
CA VAL A 225 17.74 13.80 -5.74
C VAL A 225 16.81 14.37 -4.66
N ARG A 226 15.74 15.04 -5.10
CA ARG A 226 14.80 15.66 -4.17
C ARG A 226 13.97 14.60 -3.46
N ILE A 227 13.72 13.49 -4.15
CA ILE A 227 12.91 12.40 -3.59
C ILE A 227 13.76 11.49 -2.70
N GLU A 228 15.00 11.24 -3.11
CA GLU A 228 15.91 10.44 -2.29
C GLU A 228 16.22 11.14 -0.99
N ALA A 229 16.26 12.47 -1.03
CA ALA A 229 16.50 13.28 0.16
C ALA A 229 15.35 13.14 1.16
N LEU A 230 14.12 13.20 0.64
CA LEU A 230 12.93 13.06 1.47
C LEU A 230 12.88 11.68 2.13
N GLN A 231 13.21 10.65 1.36
CA GLN A 231 13.19 9.29 1.87
C GLN A 231 14.29 9.07 2.91
N ASP A 232 15.46 9.65 2.68
CA ASP A 232 16.57 9.58 3.62
C ASP A 232 16.18 10.19 4.96
N ARG A 233 15.60 11.39 4.90
CA ARG A 233 15.09 12.09 6.06
C ARG A 233 14.06 11.25 6.81
N LEU A 234 13.31 10.44 6.07
CA LEU A 234 12.32 9.55 6.66
C LEU A 234 12.97 8.29 7.24
N CYS A 235 13.96 7.76 6.53
CA CYS A 235 14.71 6.61 7.03
C CYS A 235 15.47 6.97 8.30
N ASP A 236 15.88 8.23 8.39
CA ASP A 236 16.56 8.73 9.58
C ASP A 236 15.64 8.68 10.80
N VAL A 237 14.41 9.15 10.61
CA VAL A 237 13.40 9.15 11.66
C VAL A 237 13.13 7.73 12.13
N LEU A 238 12.97 6.81 11.19
CA LEU A 238 12.68 5.41 11.52
C LEU A 238 13.82 4.77 12.31
N GLN A 239 15.06 5.02 11.90
CA GLN A 239 16.23 4.49 12.58
C GLN A 239 16.32 5.01 14.01
N ALA A 240 16.05 6.30 14.17
CA ALA A 240 16.08 6.94 15.47
C ALA A 240 14.98 6.42 16.38
N TYR A 241 13.76 6.32 15.84
CA TYR A 241 12.62 5.88 16.64
C TYR A 241 12.83 4.48 17.21
N ILE A 242 13.30 3.57 16.35
CA ILE A 242 13.54 2.19 16.77
C ILE A 242 14.60 2.12 17.87
N ARG A 243 15.66 2.91 17.71
CA ARG A 243 16.75 2.92 18.68
C ARG A 243 16.31 3.45 20.03
N ILE A 244 15.46 4.46 20.03
CA ILE A 244 15.09 5.16 21.26
C ILE A 244 13.80 4.61 21.88
N GLN A 245 12.85 4.19 21.05
CA GLN A 245 11.51 3.85 21.54
C GLN A 245 11.15 2.36 21.43
N HIS A 246 12.03 1.55 20.87
CA HIS A 246 11.70 0.15 20.64
C HIS A 246 12.75 -0.81 21.19
N PRO A 247 12.50 -1.36 22.39
CA PRO A 247 13.40 -2.31 23.05
C PRO A 247 13.58 -3.61 22.26
N GLY A 248 14.83 -4.02 22.06
CA GLY A 248 15.12 -5.25 21.35
C GLY A 248 14.93 -5.12 19.85
N GLY A 249 14.94 -3.89 19.35
CA GLY A 249 14.76 -3.64 17.94
C GLY A 249 16.08 -3.36 17.24
N ARG A 250 17.16 -3.90 17.81
CA ARG A 250 18.50 -3.68 17.28
C ARG A 250 18.63 -4.15 15.83
N LEU A 251 17.89 -5.19 15.48
CA LEU A 251 17.96 -5.75 14.14
C LEU A 251 16.68 -5.50 13.34
N LEU A 252 15.75 -4.72 13.90
CA LEU A 252 14.44 -4.50 13.29
C LEU A 252 14.52 -3.71 11.99
N TYR A 253 15.32 -2.64 11.98
CA TYR A 253 15.42 -1.76 10.83
C TYR A 253 15.86 -2.50 9.57
N ALA A 254 16.82 -3.40 9.72
CA ALA A 254 17.34 -4.18 8.61
C ALA A 254 16.25 -5.11 8.05
N LYS A 255 15.41 -5.61 8.94
CA LYS A 255 14.30 -6.48 8.54
C LYS A 255 13.25 -5.70 7.75
N MET A 256 13.04 -4.45 8.15
CA MET A 256 12.03 -3.61 7.50
C MET A 256 12.47 -3.22 6.09
N ILE A 257 13.77 -2.96 5.93
CA ILE A 257 14.32 -2.63 4.62
C ILE A 257 14.23 -3.85 3.70
N GLN A 258 14.43 -5.03 4.27
CA GLN A 258 14.28 -6.28 3.53
C GLN A 258 12.84 -6.47 3.06
N LYS A 259 11.89 -5.93 3.82
CA LYS A 259 10.47 -6.01 3.45
C LYS A 259 10.20 -5.16 2.21
N LEU A 260 10.89 -4.03 2.11
CA LEU A 260 10.77 -3.17 0.94
C LEU A 260 11.29 -3.89 -0.31
N ALA A 261 12.30 -4.73 -0.13
CA ALA A 261 12.83 -5.53 -1.22
C ALA A 261 11.83 -6.61 -1.61
N ASP A 262 11.13 -7.16 -0.62
CA ASP A 262 10.10 -8.17 -0.87
C ASP A 262 8.97 -7.58 -1.69
N LEU A 263 8.66 -6.32 -1.42
CA LEU A 263 7.54 -5.65 -2.09
C LEU A 263 7.80 -5.43 -3.57
N ARG A 264 9.07 -5.26 -3.94
CA ARG A 264 9.44 -5.07 -5.34
C ARG A 264 9.11 -6.32 -6.16
N SER A 265 9.44 -7.49 -5.62
CA SER A 265 9.15 -8.75 -6.28
C SER A 265 7.65 -8.99 -6.37
N LEU A 266 6.94 -8.64 -5.30
CA LEU A 266 5.49 -8.76 -5.27
C LEU A 266 4.86 -7.78 -6.25
N ASN A 267 5.42 -6.58 -6.34
CA ASN A 267 4.97 -5.57 -7.28
C ASN A 267 5.10 -6.07 -8.71
N GLU A 268 6.26 -6.67 -9.00
CA GLU A 268 6.55 -7.19 -10.34
C GLU A 268 5.56 -8.27 -10.75
N GLU A 269 5.29 -9.20 -9.83
CA GLU A 269 4.39 -10.31 -10.12
C GLU A 269 2.96 -9.84 -10.30
N HIS A 270 2.56 -8.83 -9.52
CA HIS A 270 1.22 -8.28 -9.65
C HIS A 270 1.03 -7.60 -11.01
N SER A 271 2.04 -6.85 -11.45
CA SER A 271 1.98 -6.14 -12.72
C SER A 271 1.82 -7.10 -13.89
N LYS A 272 2.48 -8.26 -13.82
CA LYS A 272 2.34 -9.27 -14.86
C LYS A 272 0.92 -9.83 -14.89
N GLN A 273 0.40 -10.16 -13.70
CA GLN A 273 -0.93 -10.75 -13.61
C GLN A 273 -2.02 -9.73 -13.88
N TYR A 274 -1.75 -8.46 -13.59
CA TYR A 274 -2.71 -7.39 -13.91
C TYR A 274 -2.77 -7.19 -15.42
N ARG A 275 -1.61 -7.24 -16.06
CA ARG A 275 -1.51 -7.06 -17.51
C ARG A 275 -2.29 -8.17 -18.22
N SER A 276 -2.22 -9.38 -17.68
CA SER A 276 -2.96 -10.51 -18.20
C SER A 276 -4.46 -10.28 -18.08
N LEU A 277 -4.84 -9.64 -16.98
CA LEU A 277 -6.24 -9.38 -16.67
C LEU A 277 -6.80 -8.23 -17.49
N SER A 278 -6.03 -7.15 -17.59
CA SER A 278 -6.49 -5.92 -18.23
C SER A 278 -6.56 -6.04 -19.76
N PHE A 279 -5.93 -7.06 -20.32
CA PHE A 279 -5.94 -7.26 -21.76
C PHE A 279 -7.22 -7.93 -22.24
N GLN A 280 -7.96 -8.52 -21.30
CA GLN A 280 -9.23 -9.15 -21.62
C GLN A 280 -10.38 -8.22 -21.24
N PRO A 281 -11.03 -7.63 -22.25
CA PRO A 281 -12.10 -6.64 -22.07
C PRO A 281 -13.22 -7.09 -21.14
N GLU A 282 -13.52 -8.39 -21.12
CA GLU A 282 -14.58 -8.91 -20.27
C GLU A 282 -14.19 -8.85 -18.79
N HIS A 283 -12.89 -8.79 -18.54
CA HIS A 283 -12.39 -8.67 -17.17
C HIS A 283 -12.07 -7.22 -16.83
N SER A 284 -11.49 -6.49 -17.78
CA SER A 284 -11.11 -5.11 -17.55
C SER A 284 -12.34 -4.21 -17.38
N MET A 285 -13.47 -4.64 -17.93
CA MET A 285 -14.72 -3.87 -17.80
C MET A 285 -15.24 -3.93 -16.38
N GLN A 286 -14.72 -4.87 -15.59
CA GLN A 286 -15.14 -5.03 -14.20
C GLN A 286 -14.32 -4.14 -13.25
N LEU A 287 -13.27 -3.54 -13.80
CA LEU A 287 -12.42 -2.64 -13.01
C LEU A 287 -13.02 -1.25 -12.93
N THR A 288 -12.42 -0.40 -12.10
CA THR A 288 -12.87 0.98 -11.97
C THR A 288 -11.95 1.89 -12.77
N PRO A 289 -12.45 3.08 -13.19
CA PRO A 289 -11.62 4.03 -13.92
C PRO A 289 -10.32 4.39 -13.18
N LEU A 290 -10.38 4.50 -11.86
CA LEU A 290 -9.20 4.84 -11.08
C LEU A 290 -8.18 3.71 -11.11
N VAL A 291 -8.66 2.49 -10.95
CA VAL A 291 -7.79 1.30 -11.00
C VAL A 291 -7.10 1.20 -12.35
N LEU A 292 -7.88 1.36 -13.43
CA LEU A 292 -7.32 1.32 -14.79
C LEU A 292 -6.26 2.38 -15.00
N GLU A 293 -6.46 3.54 -14.37
CA GLU A 293 -5.56 4.67 -14.54
C GLU A 293 -4.26 4.48 -13.76
N VAL A 294 -4.36 3.91 -12.57
CA VAL A 294 -3.20 3.74 -11.69
C VAL A 294 -2.31 2.59 -12.14
N PHE A 295 -2.92 1.46 -12.51
CA PHE A 295 -2.17 0.28 -12.91
C PHE A 295 -2.01 0.18 -14.42
N GLY A 296 -2.52 1.19 -15.12
CA GLY A 296 -2.43 1.22 -16.57
C GLY A 296 -1.06 1.68 -17.05
N SER A 297 -0.77 1.39 -18.32
CA SER A 297 0.55 1.69 -18.88
C SER A 297 0.59 3.03 -19.61
N GLU A 298 -0.55 3.72 -19.66
CA GLU A 298 -0.63 5.00 -20.35
C GLU A 298 0.29 6.05 -19.74
N HIS B 2 -4.05 10.57 -17.01
CA HIS B 2 -4.20 10.55 -15.56
C HIS B 2 -5.06 11.70 -15.03
N LYS B 3 -6.27 11.82 -15.55
CA LYS B 3 -7.16 12.90 -15.16
C LYS B 3 -7.75 12.70 -13.76
N ILE B 4 -8.01 11.45 -13.40
CA ILE B 4 -8.56 11.14 -12.09
C ILE B 4 -7.51 11.39 -11.00
N LEU B 5 -6.31 10.85 -11.21
CA LEU B 5 -5.21 11.02 -10.26
C LEU B 5 -4.88 12.50 -10.04
N HIS B 6 -4.87 13.26 -11.13
CA HIS B 6 -4.57 14.69 -11.06
C HIS B 6 -5.62 15.43 -10.25
N ARG B 7 -6.88 15.00 -10.39
CA ARG B 7 -7.98 15.62 -9.65
C ARG B 7 -7.89 15.27 -8.17
N LEU B 8 -7.62 14.00 -7.86
CA LEU B 8 -7.53 13.54 -6.49
C LEU B 8 -6.34 14.14 -5.76
N LEU B 9 -5.31 14.50 -6.50
CA LEU B 9 -4.15 15.18 -5.93
C LEU B 9 -4.38 16.69 -5.88
N GLN B 10 -5.65 17.08 -5.98
CA GLN B 10 -6.09 18.47 -5.96
C GLN B 10 -5.51 19.29 -7.11
#